data_6CVT
#
_entry.id   6CVT
#
_cell.length_a   40.727
_cell.length_b   113.131
_cell.length_c   124.500
_cell.angle_alpha   90.00
_cell.angle_beta   90.00
_cell.angle_gamma   90.00
#
_symmetry.space_group_name_H-M   'P 21 21 21'
#
loop_
_entity.id
_entity.type
_entity.pdbx_description
1 polymer Aprataxin
2 polymer "DNA/RNA (5'-R(P*G)-D(P*TP*TP*AP*TP*GP*AP*TP*TP*C)-3')"
3 polymer "DNA (5'-D(*GP*AP*AP*TP*CP*AP*TP*AP*AP*C)-3')"
4 non-polymer 'ZINC ION'
5 non-polymer 'ADENOSINE MONOPHOSPHATE'
6 water water
#
loop_
_entity_poly.entity_id
_entity_poly.type
_entity_poly.pdbx_seq_one_letter_code
_entity_poly.pdbx_strand_id
1 'polypeptide(L)'
;GSHMGHWSQGLKISMQDPKMQVYKDEQVVVIKDKYPKARYHWLVLPWTSISSLKAVAREHLELLKHMHTVGEKVIVDFAG
SSKLRFRLGYHAIPSMSHVHLHGISQDFDSPCLKNKKHWNSFNTEYFLESQAVIEMVQEAGRVTVRDGMPELLKLPLRCH
ECQQLLPSIPQLKEHLRKHWTQ
;
A,B
2 'polydeoxyribonucleotide/polyribonucleotide hybrid' G(DT)(DT)(DA)(DT)(DG)(DA)(DT)(DT)(DC) D,G
3 'polydeoxyribonucleotide' (DG)(DA)(DA)(DT)(DC)(DA)(DT)(DA)(DA)(DC) E,H
#
loop_
_chem_comp.id
_chem_comp.type
_chem_comp.name
_chem_comp.formula
AMP non-polymer 'ADENOSINE MONOPHOSPHATE' 'C10 H14 N5 O7 P'
DA DNA linking 2'-DEOXYADENOSINE-5'-MONOPHOSPHATE 'C10 H14 N5 O6 P'
DC DNA linking 2'-DEOXYCYTIDINE-5'-MONOPHOSPHATE 'C9 H14 N3 O7 P'
DG DNA linking 2'-DEOXYGUANOSINE-5'-MONOPHOSPHATE 'C10 H14 N5 O7 P'
DT DNA linking THYMIDINE-5'-MONOPHOSPHATE 'C10 H15 N2 O8 P'
G RNA linking GUANOSINE-5'-MONOPHOSPHATE 'C10 H14 N5 O8 P'
ZN non-polymer 'ZINC ION' 'Zn 2'
#
# COMPACT_ATOMS: atom_id res chain seq x y z
N MET A 4 8.97 9.02 14.79
CA MET A 4 7.74 9.31 15.50
C MET A 4 8.01 10.27 16.66
N GLY A 5 9.29 10.62 16.81
CA GLY A 5 9.73 11.55 17.83
C GLY A 5 11.05 12.21 17.47
N HIS A 6 11.15 13.51 17.72
CA HIS A 6 12.37 14.32 17.57
C HIS A 6 13.07 14.19 16.22
N TRP A 7 13.46 12.98 15.78
CA TRP A 7 14.18 12.88 14.51
C TRP A 7 13.26 13.26 13.35
N SER A 8 11.98 12.90 13.46
CA SER A 8 11.02 13.20 12.42
C SER A 8 10.83 14.69 12.22
N GLN A 9 11.16 15.49 13.23
CA GLN A 9 11.09 16.94 13.19
C GLN A 9 12.36 17.59 12.67
N GLY A 10 13.42 16.82 12.41
CA GLY A 10 14.69 17.40 12.04
C GLY A 10 14.59 18.45 10.95
N LEU A 11 13.90 18.13 9.86
CA LEU A 11 13.75 19.10 8.77
C LEU A 11 13.23 20.42 9.31
N LYS A 12 12.09 20.38 10.03
CA LYS A 12 11.53 21.58 10.63
C LYS A 12 12.61 22.35 11.38
N ILE A 13 13.30 21.66 12.29
CA ILE A 13 14.32 22.32 13.09
C ILE A 13 15.35 22.98 12.19
N SER A 14 15.88 22.22 11.23
CA SER A 14 16.96 22.76 10.43
C SER A 14 16.49 23.90 9.53
N MET A 15 15.20 23.92 9.16
CA MET A 15 14.76 25.04 8.34
C MET A 15 14.63 26.31 9.18
N GLN A 16 14.41 26.17 10.50
CA GLN A 16 14.35 27.34 11.36
C GLN A 16 15.74 27.91 11.64
N ASP A 17 16.74 27.03 11.70
CA ASP A 17 18.13 27.37 11.98
C ASP A 17 18.68 28.33 10.93
N PRO A 18 19.16 29.52 11.32
CA PRO A 18 19.64 30.48 10.32
C PRO A 18 20.88 30.00 9.57
N LYS A 19 21.78 29.30 10.26
CA LYS A 19 23.00 28.80 9.65
C LYS A 19 22.72 27.85 8.50
N MET A 20 21.62 27.08 8.60
CA MET A 20 21.25 26.08 7.61
C MET A 20 20.55 26.65 6.40
N GLN A 21 20.07 27.89 6.45
CA GLN A 21 19.28 28.46 5.37
C GLN A 21 20.21 28.91 4.26
N VAL A 22 20.20 28.16 3.15
CA VAL A 22 20.88 28.62 1.95
C VAL A 22 20.09 29.72 1.30
N TYR A 23 18.76 29.61 1.34
CA TYR A 23 17.94 30.68 0.77
C TYR A 23 16.66 30.82 1.57
N LYS A 24 16.13 32.03 1.61
CA LYS A 24 14.96 32.30 2.44
C LYS A 24 14.17 33.43 1.79
N ASP A 25 12.86 33.27 1.73
CA ASP A 25 12.00 34.35 1.26
C ASP A 25 10.66 34.25 1.99
N GLU A 26 9.63 34.91 1.45
CA GLU A 26 8.33 34.99 2.11
C GLU A 26 7.51 33.71 1.97
N GLN A 27 8.00 32.72 1.22
CA GLN A 27 7.18 31.56 0.91
C GLN A 27 7.90 30.25 1.21
N VAL A 28 9.22 30.23 1.06
CA VAL A 28 9.99 28.98 1.17
C VAL A 28 11.35 29.27 1.79
N VAL A 29 12.00 28.20 2.25
CA VAL A 29 13.38 28.21 2.71
C VAL A 29 14.08 26.98 2.13
N VAL A 30 15.33 27.15 1.73
CA VAL A 30 16.10 26.12 1.05
C VAL A 30 17.35 25.82 1.85
N ILE A 31 17.55 24.53 2.17
CA ILE A 31 18.65 24.06 3.00
C ILE A 31 19.37 22.91 2.31
N LYS A 32 20.64 22.72 2.67
CA LYS A 32 21.39 21.59 2.12
C LYS A 32 20.93 20.30 2.78
N ASP A 33 20.78 19.24 1.97
CA ASP A 33 20.37 17.95 2.49
C ASP A 33 21.44 17.40 3.42
N LYS A 34 21.01 16.98 4.62
CA LYS A 34 21.98 16.59 5.63
C LYS A 34 22.76 15.34 5.23
N TYR A 35 22.15 14.47 4.45
CA TYR A 35 22.78 13.22 4.01
C TYR A 35 22.69 13.17 2.50
N PRO A 36 23.37 14.08 1.80
CA PRO A 36 23.11 14.28 0.38
C PRO A 36 23.49 13.07 -0.45
N LYS A 37 22.61 12.70 -1.38
CA LYS A 37 22.86 11.58 -2.28
C LYS A 37 23.64 11.98 -3.52
N ALA A 38 24.18 13.19 -3.59
CA ALA A 38 24.97 13.64 -4.72
C ALA A 38 25.81 14.82 -4.30
N ARG A 39 26.59 15.36 -5.24
CA ARG A 39 27.47 16.47 -4.95
C ARG A 39 26.68 17.70 -4.53
N TYR A 40 25.54 17.91 -5.19
CA TYR A 40 24.63 19.01 -4.88
C TYR A 40 23.26 18.41 -4.60
N HIS A 41 22.77 18.64 -3.40
CA HIS A 41 21.47 18.12 -3.00
C HIS A 41 20.86 19.14 -2.04
N TRP A 42 19.79 19.79 -2.47
CA TRP A 42 19.10 20.79 -1.66
C TRP A 42 17.63 20.41 -1.49
N LEU A 43 17.06 20.85 -0.37
CA LEU A 43 15.64 20.68 -0.07
C LEU A 43 14.96 22.05 -0.01
N VAL A 44 13.87 22.19 -0.77
CA VAL A 44 13.07 23.41 -0.86
C VAL A 44 11.78 23.16 -0.08
N LEU A 45 11.60 23.90 1.03
CA LEU A 45 10.49 23.64 1.93
C LEU A 45 9.60 24.86 2.07
N PRO A 46 8.28 24.71 2.02
CA PRO A 46 7.38 25.84 2.23
C PRO A 46 7.26 26.19 3.71
N TRP A 47 7.15 27.49 3.99
CA TRP A 47 6.93 27.93 5.36
C TRP A 47 5.60 27.38 5.87
N THR A 48 4.57 27.49 5.04
CA THR A 48 3.27 26.90 5.35
C THR A 48 3.35 25.41 5.12
N SER A 49 3.38 24.64 6.21
CA SER A 49 3.54 23.19 6.09
C SER A 49 2.41 22.60 5.24
N ILE A 50 2.77 21.61 4.44
CA ILE A 50 1.81 20.82 3.67
C ILE A 50 2.04 19.34 3.99
N SER A 51 0.95 18.64 4.34
CA SER A 51 1.10 17.31 4.93
C SER A 51 1.65 16.28 3.93
N SER A 52 1.12 16.25 2.71
CA SER A 52 1.45 15.16 1.80
C SER A 52 0.93 15.46 0.40
N LEU A 53 1.54 14.80 -0.59
CA LEU A 53 1.15 14.97 -1.99
C LEU A 53 -0.30 14.57 -2.24
N LYS A 54 -0.85 13.65 -1.45
CA LYS A 54 -2.26 13.34 -1.66
C LYS A 54 -3.13 14.55 -1.35
N ALA A 55 -2.73 15.39 -0.40
CA ALA A 55 -3.48 16.59 -0.05
C ALA A 55 -2.90 17.82 -0.76
N VAL A 56 -2.95 17.79 -2.09
CA VAL A 56 -2.50 18.89 -2.93
C VAL A 56 -3.69 19.40 -3.71
N ALA A 57 -3.87 20.72 -3.76
CA ALA A 57 -5.00 21.29 -4.46
C ALA A 57 -4.51 22.39 -5.40
N ARG A 58 -5.47 23.07 -6.03
CA ARG A 58 -5.12 24.15 -6.93
C ARG A 58 -4.58 25.34 -6.15
N GLU A 59 -5.03 25.50 -4.90
CA GLU A 59 -4.50 26.56 -4.06
C GLU A 59 -3.00 26.51 -3.93
N HIS A 60 -2.42 25.31 -3.92
CA HIS A 60 -0.99 25.16 -3.78
C HIS A 60 -0.23 25.39 -5.07
N LEU A 61 -0.94 25.48 -6.20
CA LEU A 61 -0.28 25.58 -7.50
C LEU A 61 0.69 26.76 -7.56
N GLU A 62 0.23 27.97 -7.19
CA GLU A 62 1.12 29.12 -7.22
C GLU A 62 2.33 28.90 -6.33
N LEU A 63 2.16 28.18 -5.22
CA LEU A 63 3.29 27.84 -4.38
C LEU A 63 4.22 26.84 -5.05
N LEU A 64 3.65 25.81 -5.67
CA LEU A 64 4.48 24.77 -6.30
C LEU A 64 5.42 25.36 -7.33
N LYS A 65 4.86 26.13 -8.27
CA LYS A 65 5.68 26.82 -9.25
C LYS A 65 6.79 27.60 -8.57
N HIS A 66 6.43 28.32 -7.50
CA HIS A 66 7.41 29.11 -6.78
C HIS A 66 8.56 28.25 -6.29
N MET A 67 8.23 27.13 -5.62
CA MET A 67 9.27 26.22 -5.15
C MET A 67 10.14 25.78 -6.30
N HIS A 68 9.51 25.37 -7.41
CA HIS A 68 10.27 25.01 -8.59
C HIS A 68 11.23 26.13 -8.97
N THR A 69 10.68 27.33 -9.18
CA THR A 69 11.52 28.46 -9.57
C THR A 69 12.68 28.63 -8.60
N VAL A 70 12.38 28.57 -7.31
CA VAL A 70 13.42 28.81 -6.32
C VAL A 70 14.51 27.76 -6.45
N GLY A 71 14.11 26.50 -6.61
CA GLY A 71 15.11 25.47 -6.81
C GLY A 71 16.06 25.82 -7.94
N GLU A 72 15.49 26.19 -9.09
CA GLU A 72 16.34 26.53 -10.23
C GLU A 72 17.28 27.67 -9.87
N LYS A 73 16.78 28.69 -9.18
CA LYS A 73 17.67 29.78 -8.80
C LYS A 73 18.86 29.24 -8.03
N VAL A 74 18.60 28.42 -7.00
CA VAL A 74 19.70 27.90 -6.20
C VAL A 74 20.66 27.11 -7.09
N ILE A 75 20.11 26.31 -8.00
CA ILE A 75 20.95 25.52 -8.89
C ILE A 75 21.88 26.42 -9.69
N VAL A 76 21.34 27.51 -10.23
CA VAL A 76 22.20 28.45 -10.94
C VAL A 76 23.15 29.14 -9.98
N ASP A 77 22.67 29.53 -8.80
CA ASP A 77 23.46 30.39 -7.93
C ASP A 77 24.64 29.65 -7.30
N PHE A 78 24.48 28.36 -6.99
CA PHE A 78 25.52 27.63 -6.27
C PHE A 78 26.13 26.49 -7.08
N ALA A 79 25.59 26.15 -8.25
CA ALA A 79 26.18 25.11 -9.08
C ALA A 79 26.17 25.48 -10.55
N GLY A 80 26.07 26.76 -10.89
CA GLY A 80 26.12 27.17 -12.28
C GLY A 80 27.45 26.86 -12.92
N SER A 81 28.54 26.98 -12.16
CA SER A 81 29.87 26.66 -12.69
C SER A 81 30.02 25.18 -13.01
N SER A 82 29.34 24.30 -12.27
CA SER A 82 29.42 22.88 -12.56
C SER A 82 28.73 22.58 -13.88
N LYS A 83 29.32 21.66 -14.66
CA LYS A 83 28.67 21.15 -15.86
C LYS A 83 27.74 19.99 -15.55
N LEU A 84 27.10 20.00 -14.38
CA LEU A 84 26.28 18.89 -13.91
C LEU A 84 24.82 19.05 -14.32
N ARG A 85 24.20 17.92 -14.68
CA ARG A 85 22.76 17.89 -14.96
CA ARG A 85 22.76 17.90 -14.95
C ARG A 85 22.00 17.76 -13.64
N PHE A 86 20.89 18.49 -13.53
CA PHE A 86 20.11 18.47 -12.31
C PHE A 86 18.72 17.90 -12.56
N ARG A 87 18.05 17.56 -11.46
CA ARG A 87 16.65 17.15 -11.49
C ARG A 87 15.94 17.71 -10.27
N LEU A 88 14.75 18.26 -10.49
CA LEU A 88 13.92 18.79 -9.42
C LEU A 88 12.64 17.95 -9.36
N GLY A 89 12.39 17.36 -8.20
CA GLY A 89 11.20 16.52 -8.06
C GLY A 89 11.01 16.06 -6.64
N TYR A 90 9.89 15.37 -6.42
CA TYR A 90 9.41 14.93 -5.13
C TYR A 90 9.41 13.41 -5.01
N HIS A 91 9.57 12.92 -3.78
CA HIS A 91 9.41 11.50 -3.50
C HIS A 91 7.93 11.17 -3.35
N ALA A 92 7.52 10.04 -3.91
CA ALA A 92 6.12 9.61 -3.80
C ALA A 92 5.72 9.49 -2.34
N ILE A 93 6.47 8.70 -1.59
CA ILE A 93 6.28 8.51 -0.15
C ILE A 93 7.43 9.20 0.56
N PRO A 94 7.21 10.35 1.19
CA PRO A 94 8.27 10.95 2.00
C PRO A 94 8.48 10.13 3.26
N SER A 95 9.71 10.17 3.76
CA SER A 95 9.95 9.62 5.10
C SER A 95 9.74 10.70 6.15
N MET A 96 10.36 11.87 5.94
CA MET A 96 10.23 12.99 6.86
C MET A 96 8.92 13.73 6.65
N SER A 97 8.38 14.26 7.75
CA SER A 97 7.12 14.99 7.69
C SER A 97 7.23 16.20 6.78
N HIS A 98 6.08 16.55 6.17
CA HIS A 98 5.87 17.66 5.25
C HIS A 98 6.28 17.29 3.82
N VAL A 99 5.81 18.06 2.85
CA VAL A 99 6.26 17.93 1.47
C VAL A 99 7.45 18.85 1.24
N HIS A 100 8.48 18.32 0.59
CA HIS A 100 9.72 19.04 0.34
C HIS A 100 10.23 18.71 -1.05
N LEU A 101 10.72 19.73 -1.76
CA LEU A 101 11.23 19.57 -3.12
C LEU A 101 12.71 19.19 -3.09
N HIS A 102 13.07 18.17 -3.88
CA HIS A 102 14.46 17.74 -4.03
C HIS A 102 15.04 18.39 -5.27
N GLY A 103 16.17 19.09 -5.09
CA GLY A 103 16.98 19.48 -6.23
C GLY A 103 18.31 18.77 -6.13
N ILE A 104 18.58 17.83 -7.04
CA ILE A 104 19.73 16.95 -6.86
C ILE A 104 20.48 16.82 -8.19
N SER A 105 21.81 16.88 -8.10
CA SER A 105 22.66 16.73 -9.28
C SER A 105 22.79 15.25 -9.65
N GLN A 106 22.83 14.98 -10.96
CA GLN A 106 22.70 13.63 -11.49
C GLN A 106 24.00 12.85 -11.50
N ASP A 107 25.04 13.34 -10.84
CA ASP A 107 26.27 12.56 -10.70
C ASP A 107 26.07 11.39 -9.75
N PHE A 108 25.28 11.60 -8.70
CA PHE A 108 25.05 10.60 -7.66
C PHE A 108 26.36 10.14 -7.02
N ASP A 109 27.32 11.06 -6.93
CA ASP A 109 28.63 10.81 -6.34
C ASP A 109 28.57 11.33 -4.90
N SER A 110 28.15 10.46 -3.97
CA SER A 110 28.11 10.85 -2.57
C SER A 110 28.09 9.61 -1.71
N PRO A 111 28.87 9.57 -0.61
CA PRO A 111 28.88 8.37 0.23
C PRO A 111 27.58 8.13 0.98
N CYS A 112 26.73 9.14 1.11
CA CYS A 112 25.43 8.94 1.75
C CYS A 112 24.50 8.04 0.93
N LEU A 113 24.76 7.90 -0.36
CA LEU A 113 23.99 6.98 -1.19
C LEU A 113 24.55 5.60 -0.89
N LYS A 114 23.83 4.81 -0.07
CA LYS A 114 24.37 3.57 0.44
C LYS A 114 23.63 2.31 0.03
N ASN A 115 22.35 2.39 -0.34
CA ASN A 115 21.57 1.19 -0.56
C ASN A 115 20.62 1.37 -1.74
N LYS A 116 19.96 0.27 -2.08
CA LYS A 116 19.06 0.25 -3.24
C LYS A 116 17.88 1.20 -3.07
N LYS A 117 17.41 1.38 -1.83
CA LYS A 117 16.31 2.29 -1.57
C LYS A 117 16.64 3.71 -2.04
N HIS A 118 17.83 4.20 -1.70
CA HIS A 118 18.20 5.55 -2.14
C HIS A 118 18.18 5.64 -3.65
N TRP A 119 18.88 4.70 -4.31
CA TRP A 119 19.05 4.78 -5.75
C TRP A 119 17.71 4.79 -6.46
N ASN A 120 16.82 3.85 -6.10
CA ASN A 120 15.53 3.80 -6.77
C ASN A 120 14.61 4.93 -6.32
N SER A 121 14.83 5.50 -5.14
CA SER A 121 14.06 6.66 -4.73
C SER A 121 14.40 7.88 -5.57
N PHE A 122 15.55 7.88 -6.24
CA PHE A 122 15.84 8.99 -7.15
C PHE A 122 15.84 8.61 -8.62
N ASN A 123 15.68 7.33 -8.97
CA ASN A 123 15.85 6.92 -10.37
C ASN A 123 14.72 6.03 -10.88
N THR A 124 13.56 6.04 -10.25
CA THR A 124 12.39 5.33 -10.76
C THR A 124 11.20 6.27 -10.69
N GLU A 125 10.04 5.80 -11.15
CA GLU A 125 8.84 6.63 -11.10
C GLU A 125 8.46 7.02 -9.67
N TYR A 126 9.10 6.42 -8.65
CA TYR A 126 8.96 6.88 -7.28
C TYR A 126 9.37 8.35 -7.14
N PHE A 127 10.25 8.82 -8.01
CA PHE A 127 10.69 10.22 -8.02
C PHE A 127 9.91 10.96 -9.09
N LEU A 128 8.91 11.74 -8.67
CA LEU A 128 8.04 12.48 -9.58
C LEU A 128 8.68 13.84 -9.90
N GLU A 129 8.84 14.14 -11.18
CA GLU A 129 9.48 15.40 -11.53
C GLU A 129 8.58 16.58 -11.13
N SER A 130 9.22 17.71 -10.83
CA SER A 130 8.48 18.88 -10.42
C SER A 130 7.60 19.40 -11.55
N GLN A 131 8.12 19.43 -12.77
CA GLN A 131 7.32 19.89 -13.91
C GLN A 131 6.06 19.04 -14.06
N ALA A 132 6.22 17.72 -13.99
CA ALA A 132 5.07 16.83 -14.14
C ALA A 132 4.06 17.07 -13.03
N VAL A 133 4.55 17.32 -11.81
CA VAL A 133 3.65 17.59 -10.69
C VAL A 133 2.87 18.87 -10.94
N ILE A 134 3.58 19.93 -11.34
CA ILE A 134 2.95 21.22 -11.61
C ILE A 134 1.89 21.07 -12.70
N GLU A 135 2.24 20.40 -13.80
CA GLU A 135 1.27 20.15 -14.86
C GLU A 135 0.09 19.34 -14.35
N MET A 136 0.34 18.43 -13.41
CA MET A 136 -0.75 17.61 -12.87
C MET A 136 -1.73 18.45 -12.06
N VAL A 137 -1.24 19.36 -11.22
CA VAL A 137 -2.17 20.21 -10.49
C VAL A 137 -2.88 21.18 -11.43
N GLN A 138 -2.20 21.64 -12.48
CA GLN A 138 -2.85 22.54 -13.43
C GLN A 138 -3.93 21.83 -14.24
N GLU A 139 -3.65 20.61 -14.69
CA GLU A 139 -4.59 19.90 -15.54
C GLU A 139 -5.72 19.24 -14.75
N ALA A 140 -5.42 18.67 -13.58
CA ALA A 140 -6.40 17.91 -12.83
C ALA A 140 -6.75 18.49 -11.47
N GLY A 141 -5.99 19.46 -10.97
CA GLY A 141 -6.22 19.96 -9.62
C GLY A 141 -5.81 19.02 -8.52
N ARG A 142 -5.06 17.97 -8.85
CA ARG A 142 -4.65 16.94 -7.91
C ARG A 142 -3.53 16.12 -8.57
N VAL A 143 -2.70 15.50 -7.74
CA VAL A 143 -1.55 14.76 -8.22
C VAL A 143 -1.93 13.29 -8.36
N THR A 144 -1.60 12.72 -9.52
CA THR A 144 -1.88 11.33 -9.79
C THR A 144 -0.64 10.52 -9.46
N VAL A 145 -0.71 9.73 -8.39
CA VAL A 145 0.41 8.91 -7.94
C VAL A 145 0.02 7.45 -8.17
N ARG A 146 0.65 6.84 -9.17
CA ARG A 146 0.37 5.45 -9.50
C ARG A 146 0.60 4.56 -8.28
N ASP A 147 -0.18 3.49 -8.20
CA ASP A 147 -0.02 2.56 -7.10
C ASP A 147 1.20 1.68 -7.34
N GLY A 148 1.63 1.01 -6.28
CA GLY A 148 2.79 0.16 -6.38
C GLY A 148 4.11 0.87 -6.26
N MET A 149 4.15 2.01 -5.57
CA MET A 149 5.41 2.71 -5.39
C MET A 149 6.42 1.94 -4.56
N PRO A 150 6.06 1.35 -3.41
CA PRO A 150 7.08 0.62 -2.64
C PRO A 150 7.76 -0.52 -3.38
N GLU A 151 7.10 -1.14 -4.35
CA GLU A 151 7.78 -2.16 -5.15
C GLU A 151 8.88 -1.57 -6.03
N LEU A 152 8.73 -0.33 -6.48
CA LEU A 152 9.79 0.26 -7.29
C LEU A 152 11.09 0.41 -6.50
N LEU A 153 10.99 0.57 -5.19
CA LEU A 153 12.20 0.70 -4.37
C LEU A 153 13.01 -0.59 -4.33
N LYS A 154 12.39 -1.73 -4.61
CA LYS A 154 13.07 -3.01 -4.61
C LYS A 154 13.63 -3.40 -5.98
N LEU A 155 13.41 -2.59 -7.02
CA LEU A 155 13.84 -2.92 -8.37
C LEU A 155 15.36 -3.05 -8.47
N PRO A 156 15.87 -3.89 -9.36
CA PRO A 156 17.32 -4.01 -9.53
C PRO A 156 17.95 -2.71 -9.99
N LEU A 157 19.22 -2.53 -9.63
CA LEU A 157 19.95 -1.32 -9.97
C LEU A 157 20.13 -1.18 -11.48
N ARG A 158 19.67 -0.05 -12.03
CA ARG A 158 19.90 0.28 -13.42
C ARG A 158 20.46 1.69 -13.51
N CYS A 159 21.57 1.85 -14.23
CA CYS A 159 22.21 3.15 -14.38
C CYS A 159 21.29 4.10 -15.12
N HIS A 160 21.26 5.37 -14.67
CA HIS A 160 20.38 6.35 -15.29
C HIS A 160 20.94 6.96 -16.56
N GLU A 161 22.23 6.79 -16.83
CA GLU A 161 22.85 7.33 -18.03
C GLU A 161 22.92 6.26 -19.11
N CYS A 162 23.83 5.30 -18.94
CA CYS A 162 24.06 4.26 -19.95
C CYS A 162 22.90 3.29 -20.06
N GLN A 163 22.15 3.07 -18.97
CA GLN A 163 20.98 2.18 -18.83
C GLN A 163 21.35 0.72 -18.61
N GLN A 164 22.59 0.43 -18.26
CA GLN A 164 23.02 -0.94 -17.99
C GLN A 164 22.57 -1.38 -16.60
N LEU A 165 22.16 -2.64 -16.48
CA LEU A 165 21.83 -3.20 -15.18
C LEU A 165 23.10 -3.47 -14.39
N LEU A 166 23.06 -3.21 -13.09
CA LEU A 166 24.21 -3.40 -12.22
C LEU A 166 23.84 -4.23 -10.99
N PRO A 167 24.83 -4.91 -10.40
CA PRO A 167 24.55 -5.89 -9.33
C PRO A 167 24.64 -5.39 -7.91
N SER A 168 25.25 -4.26 -7.65
CA SER A 168 25.50 -3.85 -6.28
C SER A 168 25.78 -2.36 -6.22
N ILE A 169 25.56 -1.80 -5.04
CA ILE A 169 25.90 -0.41 -4.80
C ILE A 169 27.38 -0.14 -5.06
N PRO A 170 28.32 -0.98 -4.62
CA PRO A 170 29.73 -0.70 -4.95
C PRO A 170 30.00 -0.71 -6.45
N GLN A 171 29.47 -1.70 -7.16
CA GLN A 171 29.69 -1.75 -8.59
C GLN A 171 28.93 -0.66 -9.32
N LEU A 172 27.79 -0.22 -8.77
CA LEU A 172 27.08 0.92 -9.34
C LEU A 172 27.89 2.20 -9.21
N LYS A 173 28.45 2.45 -8.02
CA LYS A 173 29.27 3.64 -7.82
C LYS A 173 30.47 3.63 -8.76
N GLU A 174 31.19 2.51 -8.83
CA GLU A 174 32.32 2.45 -9.76
C GLU A 174 31.88 2.69 -11.20
N HIS A 175 30.72 2.14 -11.59
CA HIS A 175 30.22 2.37 -12.94
C HIS A 175 29.91 3.84 -13.17
N LEU A 176 29.38 4.52 -12.14
CA LEU A 176 29.09 5.94 -12.28
C LEU A 176 30.37 6.73 -12.43
N ARG A 177 31.43 6.36 -11.68
CA ARG A 177 32.71 7.07 -11.75
C ARG A 177 33.11 7.33 -13.19
N LYS A 178 32.92 6.34 -14.05
CA LYS A 178 33.40 6.47 -15.42
C LYS A 178 32.54 7.40 -16.27
N HIS A 179 31.38 7.81 -15.80
CA HIS A 179 30.55 8.74 -16.55
C HIS A 179 30.92 10.20 -16.31
N TRP A 180 32.06 10.48 -15.69
CA TRP A 180 32.39 11.86 -15.36
C TRP A 180 33.01 12.55 -16.56
N HIS D 3 -6.33 -9.30 -16.59
CA HIS D 3 -5.59 -9.00 -15.36
C HIS D 3 -6.05 -7.65 -14.81
N MET D 4 -6.29 -7.58 -13.50
CA MET D 4 -6.77 -6.35 -12.90
C MET D 4 -5.60 -5.48 -12.45
N GLY D 5 -5.92 -4.33 -11.86
CA GLY D 5 -4.93 -3.37 -11.44
C GLY D 5 -4.18 -3.80 -10.19
N HIS D 6 -3.39 -2.87 -9.66
CA HIS D 6 -2.44 -3.23 -8.61
C HIS D 6 -3.14 -3.57 -7.29
N TRP D 7 -4.29 -2.95 -7.02
CA TRP D 7 -5.03 -3.28 -5.81
C TRP D 7 -5.32 -4.77 -5.70
N SER D 8 -5.55 -5.44 -6.83
CA SER D 8 -5.85 -6.86 -6.81
C SER D 8 -4.70 -7.69 -6.27
N GLN D 9 -3.48 -7.15 -6.26
CA GLN D 9 -2.31 -7.83 -5.72
C GLN D 9 -2.11 -7.61 -4.22
N GLY D 10 -2.95 -6.76 -3.61
CA GLY D 10 -2.76 -6.38 -2.22
C GLY D 10 -2.54 -7.55 -1.29
N LEU D 11 -3.40 -8.57 -1.38
CA LEU D 11 -3.26 -9.72 -0.50
C LEU D 11 -1.87 -10.32 -0.56
N LYS D 12 -1.37 -10.60 -1.77
CA LYS D 12 -0.07 -11.24 -1.90
C LYS D 12 1.06 -10.40 -1.29
N ILE D 13 0.86 -9.08 -1.19
CA ILE D 13 1.83 -8.24 -0.48
C ILE D 13 1.69 -8.39 1.03
N SER D 14 0.45 -8.34 1.55
CA SER D 14 0.24 -8.25 2.98
C SER D 14 0.74 -9.49 3.73
N MET D 15 0.88 -10.64 3.06
CA MET D 15 1.45 -11.79 3.74
C MET D 15 2.93 -11.57 4.03
N GLN D 16 3.60 -10.72 3.26
CA GLN D 16 5.02 -10.53 3.48
C GLN D 16 5.29 -9.69 4.73
N ASP D 17 4.49 -8.67 4.96
CA ASP D 17 4.68 -7.80 6.12
C ASP D 17 4.49 -8.60 7.40
N PRO D 18 5.52 -8.72 8.25
CA PRO D 18 5.35 -9.54 9.46
C PRO D 18 4.37 -8.95 10.46
N LYS D 19 4.34 -7.62 10.63
CA LYS D 19 3.36 -7.03 11.54
C LYS D 19 1.94 -7.37 11.09
N MET D 20 1.74 -7.53 9.78
CA MET D 20 0.43 -7.90 9.29
C MET D 20 0.11 -9.38 9.50
N GLN D 21 1.14 -10.20 9.72
CA GLN D 21 0.96 -11.64 9.92
C GLN D 21 0.56 -11.91 11.36
N VAL D 22 -0.71 -12.29 11.55
CA VAL D 22 -1.14 -12.80 12.84
C VAL D 22 -0.62 -14.22 13.06
N TYR D 23 -0.52 -15.00 12.00
CA TYR D 23 -0.01 -16.37 12.10
C TYR D 23 0.81 -16.71 10.86
N LYS D 24 1.79 -17.58 11.05
CA LYS D 24 2.71 -17.97 9.99
C LYS D 24 3.17 -19.40 10.21
N ASP D 25 3.17 -20.20 9.14
CA ASP D 25 3.83 -21.50 9.14
C ASP D 25 4.34 -21.76 7.72
N GLU D 26 4.71 -23.00 7.44
CA GLU D 26 5.30 -23.33 6.15
C GLU D 26 4.26 -23.83 5.13
N GLN D 27 2.97 -23.62 5.40
CA GLN D 27 1.93 -24.01 4.46
C GLN D 27 0.92 -22.90 4.19
N VAL D 28 0.69 -22.05 5.19
CA VAL D 28 -0.31 -20.98 5.12
C VAL D 28 0.21 -19.79 5.93
N VAL D 29 -0.43 -18.65 5.71
CA VAL D 29 -0.21 -17.44 6.48
C VAL D 29 -1.58 -16.85 6.77
N VAL D 30 -1.75 -16.31 7.96
CA VAL D 30 -3.05 -15.81 8.42
C VAL D 30 -2.88 -14.35 8.80
N ILE D 31 -3.70 -13.47 8.19
CA ILE D 31 -3.61 -12.03 8.39
C ILE D 31 -4.99 -11.49 8.76
N LYS D 32 -4.98 -10.34 9.43
CA LYS D 32 -6.23 -9.66 9.73
C LYS D 32 -6.81 -9.06 8.46
N ASP D 33 -8.12 -9.14 8.32
CA ASP D 33 -8.76 -8.55 7.16
C ASP D 33 -8.57 -7.03 7.20
N LYS D 34 -8.08 -6.46 6.10
CA LYS D 34 -7.75 -5.04 6.12
C LYS D 34 -8.99 -4.19 6.36
N TYR D 35 -10.15 -4.67 5.94
CA TYR D 35 -11.43 -3.98 6.08
C TYR D 35 -12.42 -4.92 6.75
N PRO D 36 -12.20 -5.24 8.04
CA PRO D 36 -12.90 -6.36 8.66
C PRO D 36 -14.40 -6.14 8.72
N LYS D 37 -15.14 -7.18 8.34
CA LYS D 37 -16.59 -7.14 8.29
C LYS D 37 -17.23 -7.51 9.64
N ALA D 38 -16.42 -7.63 10.69
CA ALA D 38 -16.91 -7.96 12.02
C ALA D 38 -15.80 -7.62 13.02
N ARG D 39 -16.06 -7.92 14.29
CA ARG D 39 -15.08 -7.62 15.33
C ARG D 39 -13.79 -8.40 15.09
N TYR D 40 -13.90 -9.64 14.65
CA TYR D 40 -12.75 -10.48 14.32
C TYR D 40 -12.93 -11.01 12.91
N HIS D 41 -11.99 -10.69 12.03
CA HIS D 41 -12.05 -11.13 10.63
C HIS D 41 -10.64 -11.42 10.16
N TRP D 42 -10.37 -12.69 9.86
CA TRP D 42 -9.05 -13.13 9.43
C TRP D 42 -9.13 -13.81 8.07
N LEU D 43 -8.03 -13.73 7.34
CA LEU D 43 -7.86 -14.36 6.05
C LEU D 43 -6.74 -15.40 6.14
N VAL D 44 -7.07 -16.63 5.74
CA VAL D 44 -6.15 -17.76 5.73
C VAL D 44 -5.74 -18.02 4.29
N LEU D 45 -4.46 -17.77 3.99
CA LEU D 45 -3.98 -17.86 2.63
C LEU D 45 -2.86 -18.88 2.52
N PRO D 46 -2.89 -19.75 1.50
CA PRO D 46 -1.81 -20.73 1.32
C PRO D 46 -0.55 -20.09 0.76
N TRP D 47 0.60 -20.59 1.22
CA TRP D 47 1.88 -20.10 0.72
C TRP D 47 2.07 -20.40 -0.76
N THR D 48 1.80 -21.63 -1.18
CA THR D 48 1.83 -21.91 -2.61
C THR D 48 0.53 -21.40 -3.17
N SER D 49 0.59 -20.21 -3.78
CA SER D 49 -0.60 -19.54 -4.25
C SER D 49 -1.31 -20.36 -5.31
N ILE D 50 -2.63 -20.36 -5.25
CA ILE D 50 -3.48 -20.92 -6.28
C ILE D 50 -4.40 -19.80 -6.74
N SER D 51 -4.32 -19.48 -8.03
CA SER D 51 -4.98 -18.27 -8.53
C SER D 51 -6.50 -18.41 -8.48
N SER D 52 -7.04 -19.54 -8.91
CA SER D 52 -8.48 -19.70 -9.05
C SER D 52 -9.02 -20.69 -8.03
N LEU D 53 -10.24 -20.40 -7.56
CA LEU D 53 -10.93 -21.31 -6.65
C LEU D 53 -11.50 -22.51 -7.38
N LYS D 54 -11.91 -22.33 -8.64
CA LYS D 54 -12.51 -23.38 -9.44
C LYS D 54 -11.56 -24.52 -9.74
N ALA D 55 -10.26 -24.21 -9.88
CA ALA D 55 -9.26 -25.20 -10.24
C ALA D 55 -8.72 -25.84 -8.96
N VAL D 56 -9.55 -26.70 -8.37
CA VAL D 56 -9.21 -27.39 -7.13
C VAL D 56 -8.88 -28.86 -7.38
N ALA D 57 -9.74 -29.56 -8.13
CA ALA D 57 -9.58 -30.98 -8.47
C ALA D 57 -9.38 -31.86 -7.23
N ARG D 58 -9.14 -33.16 -7.44
CA ARG D 58 -8.82 -34.08 -6.34
C ARG D 58 -7.42 -33.91 -5.81
N GLU D 59 -7.10 -32.70 -5.36
CA GLU D 59 -5.85 -32.37 -4.71
C GLU D 59 -6.17 -31.18 -3.83
N HIS D 60 -5.14 -30.61 -3.19
CA HIS D 60 -5.33 -29.47 -2.30
C HIS D 60 -6.26 -29.82 -1.13
N LEU D 61 -6.90 -31.00 -1.18
CA LEU D 61 -7.85 -31.38 -0.15
C LEU D 61 -7.19 -31.35 1.22
N GLU D 62 -6.02 -31.96 1.34
CA GLU D 62 -5.27 -31.85 2.59
C GLU D 62 -4.86 -30.40 2.86
N LEU D 63 -4.54 -29.62 1.81
CA LEU D 63 -4.23 -28.22 2.01
C LEU D 63 -5.47 -27.44 2.46
N LEU D 64 -6.62 -27.75 1.89
CA LEU D 64 -7.87 -27.12 2.31
C LEU D 64 -8.14 -27.40 3.79
N LYS D 65 -8.09 -28.69 4.17
CA LYS D 65 -8.21 -29.03 5.59
C LYS D 65 -7.18 -28.29 6.44
N HIS D 66 -5.93 -28.20 5.98
CA HIS D 66 -4.92 -27.50 6.76
C HIS D 66 -5.30 -26.03 6.97
N MET D 67 -5.82 -25.38 5.91
CA MET D 67 -6.34 -24.03 6.04
C MET D 67 -7.44 -23.96 7.09
N HIS D 68 -8.42 -24.86 7.02
CA HIS D 68 -9.48 -24.91 8.03
C HIS D 68 -8.92 -25.04 9.44
N THR D 69 -8.08 -26.05 9.65
CA THR D 69 -7.48 -26.32 10.96
C THR D 69 -6.78 -25.08 11.50
N VAL D 70 -5.97 -24.43 10.65
CA VAL D 70 -5.23 -23.24 11.08
C VAL D 70 -6.20 -22.11 11.42
N GLY D 71 -7.22 -21.91 10.59
CA GLY D 71 -8.25 -20.94 10.90
C GLY D 71 -8.89 -21.16 12.26
N GLU D 72 -9.30 -22.40 12.54
CA GLU D 72 -9.89 -22.71 13.83
C GLU D 72 -8.92 -22.39 14.97
N LYS D 73 -7.65 -22.77 14.78
CA LYS D 73 -6.63 -22.49 15.80
C LYS D 73 -6.54 -20.99 16.09
N VAL D 74 -6.45 -20.17 15.04
CA VAL D 74 -6.39 -18.72 15.24
C VAL D 74 -7.63 -18.20 15.96
N ILE D 75 -8.80 -18.74 15.59
CA ILE D 75 -10.04 -18.33 16.24
C ILE D 75 -9.98 -18.58 17.74
N VAL D 76 -9.49 -19.76 18.14
CA VAL D 76 -9.32 -20.02 19.56
C VAL D 76 -8.30 -19.07 20.17
N ASP D 77 -7.20 -18.82 19.45
CA ASP D 77 -6.06 -18.11 20.04
C ASP D 77 -6.40 -16.65 20.35
N PHE D 78 -7.21 -16.02 19.52
CA PHE D 78 -7.46 -14.60 19.71
C PHE D 78 -8.90 -14.26 20.04
N ALA D 79 -9.82 -15.22 19.97
CA ALA D 79 -11.21 -14.92 20.33
C ALA D 79 -11.84 -16.02 21.16
N GLY D 80 -11.02 -16.83 21.85
CA GLY D 80 -11.58 -17.84 22.73
C GLY D 80 -12.32 -17.22 23.90
N SER D 81 -11.83 -16.10 24.43
CA SER D 81 -12.49 -15.42 25.53
C SER D 81 -13.84 -14.83 25.10
N SER D 82 -13.99 -14.48 23.82
CA SER D 82 -15.24 -13.92 23.34
C SER D 82 -16.36 -14.95 23.42
N LYS D 83 -17.57 -14.46 23.69
CA LYS D 83 -18.78 -15.24 23.46
C LYS D 83 -19.21 -15.20 22.00
N LEU D 84 -18.28 -14.98 21.08
CA LEU D 84 -18.59 -14.79 19.68
C LEU D 84 -18.54 -16.10 18.92
N ARG D 85 -19.57 -16.35 18.09
CA ARG D 85 -19.58 -17.50 17.19
C ARG D 85 -18.91 -17.12 15.88
N PHE D 86 -18.28 -18.10 15.23
CA PHE D 86 -17.46 -17.85 14.05
C PHE D 86 -17.91 -18.70 12.86
N ARG D 87 -17.42 -18.32 11.68
CA ARG D 87 -17.64 -19.09 10.46
C ARG D 87 -16.40 -19.04 9.59
N LEU D 88 -15.98 -20.19 9.06
CA LEU D 88 -14.86 -20.27 8.12
C LEU D 88 -15.40 -20.71 6.77
N GLY D 89 -15.16 -19.92 5.74
CA GLY D 89 -15.62 -20.26 4.41
C GLY D 89 -15.07 -19.29 3.38
N TYR D 90 -15.36 -19.60 2.12
CA TYR D 90 -14.85 -18.86 0.98
C TYR D 90 -15.97 -18.11 0.27
N HIS D 91 -15.58 -17.03 -0.42
CA HIS D 91 -16.50 -16.33 -1.31
C HIS D 91 -16.59 -17.05 -2.65
N ALA D 92 -17.81 -17.17 -3.17
CA ALA D 92 -18.02 -17.84 -4.45
C ALA D 92 -17.21 -17.18 -5.55
N ILE D 93 -17.45 -15.89 -5.79
CA ILE D 93 -16.67 -15.14 -6.77
C ILE D 93 -15.78 -14.16 -6.02
N PRO D 94 -14.50 -14.46 -5.86
CA PRO D 94 -13.62 -13.50 -5.19
C PRO D 94 -13.33 -12.30 -6.08
N SER D 95 -13.06 -11.16 -5.43
CA SER D 95 -12.53 -9.97 -6.08
C SER D 95 -11.00 -9.97 -6.09
N MET D 96 -10.39 -10.21 -4.92
CA MET D 96 -8.94 -10.18 -4.79
C MET D 96 -8.28 -11.45 -5.35
N SER D 97 -7.11 -11.29 -5.96
CA SER D 97 -6.36 -12.43 -6.47
C SER D 97 -5.97 -13.35 -5.33
N HIS D 98 -5.81 -14.63 -5.65
CA HIS D 98 -5.33 -15.65 -4.71
C HIS D 98 -6.42 -16.11 -3.73
N VAL D 99 -6.76 -17.40 -3.79
CA VAL D 99 -7.85 -17.93 -2.96
C VAL D 99 -7.52 -17.75 -1.48
N HIS D 100 -8.52 -17.32 -0.71
CA HIS D 100 -8.34 -17.03 0.70
C HIS D 100 -9.54 -17.52 1.49
N LEU D 101 -9.26 -18.11 2.65
CA LEU D 101 -10.30 -18.59 3.56
C LEU D 101 -10.67 -17.47 4.51
N HIS D 102 -11.96 -17.24 4.69
CA HIS D 102 -12.45 -16.24 5.62
C HIS D 102 -12.77 -16.91 6.95
N GLY D 103 -12.22 -16.38 8.03
CA GLY D 103 -12.68 -16.74 9.36
C GLY D 103 -13.27 -15.50 10.01
N ILE D 104 -14.59 -15.47 10.23
CA ILE D 104 -15.25 -14.22 10.61
C ILE D 104 -16.23 -14.48 11.74
N SER D 105 -16.24 -13.57 12.71
CA SER D 105 -17.18 -13.64 13.82
C SER D 105 -18.56 -13.15 13.37
N GLN D 106 -19.60 -13.78 13.90
CA GLN D 106 -20.97 -13.60 13.42
C GLN D 106 -21.68 -12.38 14.02
N ASP D 107 -20.96 -11.52 14.74
CA ASP D 107 -21.55 -10.28 15.20
C ASP D 107 -21.77 -9.31 14.05
N PHE D 108 -20.87 -9.31 13.07
CA PHE D 108 -20.90 -8.39 11.93
C PHE D 108 -21.00 -6.95 12.38
N ASP D 109 -20.47 -6.66 13.56
CA ASP D 109 -20.51 -5.32 14.15
C ASP D 109 -19.19 -4.64 13.81
N SER D 110 -19.15 -3.98 12.65
CA SER D 110 -17.95 -3.27 12.22
C SER D 110 -18.31 -2.22 11.20
N PRO D 111 -17.71 -1.04 11.25
CA PRO D 111 -18.05 0.00 10.26
C PRO D 111 -17.60 -0.32 8.84
N CYS D 112 -16.69 -1.28 8.63
CA CYS D 112 -16.33 -1.65 7.27
C CYS D 112 -17.47 -2.34 6.53
N LEU D 113 -18.44 -2.90 7.25
CA LEU D 113 -19.62 -3.46 6.61
C LEU D 113 -20.55 -2.31 6.26
N LYS D 114 -20.60 -1.94 4.98
CA LYS D 114 -21.31 -0.73 4.57
C LYS D 114 -22.50 -0.96 3.64
N ASN D 115 -22.58 -2.09 2.93
CA ASN D 115 -23.61 -2.25 1.91
C ASN D 115 -24.14 -3.68 1.85
N LYS D 116 -25.17 -3.84 1.01
CA LYS D 116 -25.83 -5.12 0.83
C LYS D 116 -24.90 -6.17 0.26
N LYS D 117 -23.97 -5.76 -0.61
CA LYS D 117 -23.05 -6.71 -1.24
C LYS D 117 -22.18 -7.39 -0.19
N HIS D 118 -21.65 -6.63 0.78
CA HIS D 118 -20.92 -7.27 1.86
C HIS D 118 -21.81 -8.25 2.61
N TRP D 119 -22.99 -7.78 3.01
CA TRP D 119 -23.87 -8.59 3.85
C TRP D 119 -24.17 -9.92 3.20
N ASN D 120 -24.58 -9.90 1.93
CA ASN D 120 -24.91 -11.14 1.25
C ASN D 120 -23.67 -11.93 0.87
N SER D 121 -22.53 -11.29 0.70
CA SER D 121 -21.32 -12.06 0.46
C SER D 121 -20.93 -12.86 1.69
N PHE D 122 -21.45 -12.49 2.88
CA PHE D 122 -21.19 -13.30 4.06
C PHE D 122 -22.42 -14.01 4.65
N ASN D 123 -23.62 -13.75 4.15
CA ASN D 123 -24.83 -14.27 4.80
C ASN D 123 -25.79 -14.93 3.82
N THR D 124 -25.31 -15.36 2.66
CA THR D 124 -26.12 -16.12 1.73
C THR D 124 -25.29 -17.30 1.23
N GLU D 125 -25.92 -18.14 0.40
CA GLU D 125 -25.20 -19.26 -0.19
C GLU D 125 -24.02 -18.81 -1.06
N TYR D 126 -23.87 -17.51 -1.30
CA TYR D 126 -22.64 -16.98 -1.88
C TYR D 126 -21.45 -17.30 -0.99
N PHE D 127 -21.68 -17.46 0.32
CA PHE D 127 -20.64 -17.79 1.28
C PHE D 127 -20.63 -19.30 1.47
N LEU D 128 -19.70 -19.97 0.81
CA LEU D 128 -19.61 -21.42 0.85
C LEU D 128 -18.72 -21.81 2.04
N GLU D 129 -19.26 -22.60 2.96
CA GLU D 129 -18.48 -22.94 4.15
C GLU D 129 -17.29 -23.83 3.82
N SER D 130 -16.27 -23.75 4.66
CA SER D 130 -15.09 -24.59 4.48
C SER D 130 -15.44 -26.06 4.63
N GLN D 131 -16.26 -26.39 5.63
CA GLN D 131 -16.64 -27.77 5.87
C GLN D 131 -17.34 -28.37 4.65
N ALA D 132 -18.30 -27.64 4.09
CA ALA D 132 -19.03 -28.12 2.92
C ALA D 132 -18.10 -28.29 1.72
N VAL D 133 -17.11 -27.40 1.58
CA VAL D 133 -16.12 -27.54 0.50
C VAL D 133 -15.35 -28.83 0.66
N ILE D 134 -14.87 -29.08 1.88
CA ILE D 134 -14.10 -30.29 2.17
C ILE D 134 -14.93 -31.54 1.85
N GLU D 135 -16.19 -31.57 2.32
CA GLU D 135 -17.05 -32.71 2.02
C GLU D 135 -17.29 -32.87 0.53
N MET D 136 -17.42 -31.75 -0.19
CA MET D 136 -17.67 -31.85 -1.62
C MET D 136 -16.47 -32.44 -2.35
N VAL D 137 -15.26 -32.02 -1.98
CA VAL D 137 -14.07 -32.62 -2.59
C VAL D 137 -13.94 -34.09 -2.18
N GLN D 138 -14.41 -34.44 -0.98
CA GLN D 138 -14.32 -35.83 -0.53
C GLN D 138 -15.22 -36.74 -1.36
N GLU D 139 -16.48 -36.34 -1.61
CA GLU D 139 -17.36 -37.22 -2.37
C GLU D 139 -17.11 -37.13 -3.87
N ALA D 140 -16.91 -35.92 -4.41
CA ALA D 140 -16.84 -35.74 -5.86
C ALA D 140 -15.51 -35.21 -6.38
N GLY D 141 -14.64 -34.69 -5.52
CA GLY D 141 -13.38 -34.12 -5.96
C GLY D 141 -13.49 -32.79 -6.69
N ARG D 142 -14.69 -32.29 -6.94
CA ARG D 142 -14.91 -31.04 -7.65
C ARG D 142 -15.74 -30.10 -6.79
N VAL D 143 -15.64 -28.81 -7.08
CA VAL D 143 -16.41 -27.80 -6.37
C VAL D 143 -17.71 -27.55 -7.15
N THR D 144 -18.84 -27.68 -6.45
CA THR D 144 -20.15 -27.42 -7.05
C THR D 144 -20.62 -26.04 -6.64
N VAL D 145 -20.71 -25.13 -7.60
CA VAL D 145 -21.15 -23.76 -7.36
C VAL D 145 -22.49 -23.57 -8.04
N ARG D 146 -23.51 -23.22 -7.25
CA ARG D 146 -24.81 -22.87 -7.79
C ARG D 146 -24.71 -21.53 -8.52
N ASP D 147 -25.08 -21.51 -9.80
CA ASP D 147 -25.05 -20.25 -10.53
C ASP D 147 -26.19 -19.33 -10.05
N GLY D 148 -26.06 -18.05 -10.40
CA GLY D 148 -26.93 -17.01 -9.88
C GLY D 148 -26.46 -16.44 -8.57
N MET D 149 -25.15 -16.49 -8.29
CA MET D 149 -24.61 -15.92 -7.05
C MET D 149 -24.72 -14.40 -7.01
N PRO D 150 -24.31 -13.64 -8.04
CA PRO D 150 -24.48 -12.18 -7.95
C PRO D 150 -25.92 -11.76 -7.77
N GLU D 151 -26.86 -12.60 -8.21
CA GLU D 151 -28.27 -12.35 -7.96
C GLU D 151 -28.58 -12.50 -6.47
N LEU D 152 -27.91 -13.45 -5.81
CA LEU D 152 -28.04 -13.60 -4.36
C LEU D 152 -27.43 -12.42 -3.63
N LEU D 153 -26.41 -11.79 -4.23
CA LEU D 153 -25.79 -10.63 -3.61
C LEU D 153 -26.74 -9.44 -3.52
N LYS D 154 -27.75 -9.38 -4.39
CA LYS D 154 -28.73 -8.31 -4.35
C LYS D 154 -29.93 -8.61 -3.46
N LEU D 155 -30.00 -9.82 -2.87
CA LEU D 155 -31.16 -10.21 -2.09
C LEU D 155 -31.36 -9.26 -0.90
N PRO D 156 -32.60 -9.10 -0.43
CA PRO D 156 -32.86 -8.24 0.73
C PRO D 156 -32.15 -8.75 1.97
N LEU D 157 -31.90 -7.82 2.89
CA LEU D 157 -31.20 -8.11 4.13
C LEU D 157 -32.00 -9.10 4.97
N ARG D 158 -31.56 -10.35 5.00
CA ARG D 158 -32.13 -11.37 5.87
C ARG D 158 -31.14 -11.64 7.00
N CYS D 159 -31.56 -11.33 8.22
CA CYS D 159 -30.76 -11.65 9.39
C CYS D 159 -30.40 -13.13 9.42
N HIS D 160 -29.16 -13.43 9.83
CA HIS D 160 -28.68 -14.81 9.86
C HIS D 160 -29.18 -15.56 11.09
N GLU D 161 -29.66 -14.86 12.12
CA GLU D 161 -30.15 -15.48 13.35
C GLU D 161 -31.67 -15.65 13.30
N CYS D 162 -32.36 -14.54 13.52
CA CYS D 162 -33.82 -14.53 13.60
C CYS D 162 -34.52 -14.77 12.25
N GLN D 163 -33.94 -14.28 11.16
CA GLN D 163 -34.42 -14.33 9.75
C GLN D 163 -35.34 -13.16 9.41
N GLN D 164 -35.60 -12.25 10.35
CA GLN D 164 -36.42 -11.07 10.08
C GLN D 164 -35.81 -10.26 8.94
N LEU D 165 -36.66 -9.76 8.04
CA LEU D 165 -36.21 -8.85 7.01
C LEU D 165 -35.99 -7.46 7.58
N LEU D 166 -34.94 -6.79 7.13
CA LEU D 166 -34.67 -5.42 7.54
C LEU D 166 -34.46 -4.55 6.31
N PRO D 167 -34.75 -3.25 6.43
CA PRO D 167 -34.74 -2.37 5.25
C PRO D 167 -33.44 -1.67 4.96
N SER D 168 -32.47 -1.65 5.88
CA SER D 168 -31.27 -0.87 5.63
C SER D 168 -30.11 -1.35 6.49
N ILE D 169 -28.91 -1.06 6.01
CA ILE D 169 -27.70 -1.39 6.77
C ILE D 169 -27.70 -0.77 8.16
N PRO D 170 -28.05 0.51 8.35
CA PRO D 170 -28.07 1.02 9.73
C PRO D 170 -29.05 0.30 10.62
N GLN D 171 -30.25 0.01 10.13
CA GLN D 171 -31.23 -0.72 10.95
C GLN D 171 -30.81 -2.16 11.16
N LEU D 172 -30.09 -2.76 10.21
CA LEU D 172 -29.58 -4.11 10.44
C LEU D 172 -28.53 -4.11 11.54
N LYS D 173 -27.65 -3.10 11.56
CA LYS D 173 -26.68 -2.95 12.65
C LYS D 173 -27.40 -2.81 13.99
N GLU D 174 -28.37 -1.89 14.04
CA GLU D 174 -29.14 -1.69 15.27
C GLU D 174 -29.83 -2.97 15.72
N HIS D 175 -30.38 -3.74 14.78
CA HIS D 175 -31.04 -5.01 15.10
C HIS D 175 -30.06 -6.01 15.67
N LEU D 176 -28.86 -6.07 15.09
CA LEU D 176 -27.87 -7.02 15.55
C LEU D 176 -27.33 -6.66 16.92
N ARG D 177 -27.31 -5.36 17.26
CA ARG D 177 -26.89 -4.90 18.58
C ARG D 177 -27.53 -5.69 19.71
N LYS D 178 -28.76 -6.18 19.52
CA LYS D 178 -29.51 -6.85 20.57
C LYS D 178 -29.32 -8.36 20.58
N HIS D 179 -28.72 -8.92 19.54
CA HIS D 179 -28.53 -10.36 19.46
C HIS D 179 -27.32 -10.75 20.31
ZN ZN G . 26.03 4.18 -17.12
P AMP H . 12.00 12.71 1.64
O1P AMP H . 12.70 11.48 1.10
O2P AMP H . 11.21 13.60 0.70
O3P AMP H . 11.07 12.18 2.85
O5' AMP H . 13.07 13.69 2.27
C5' AMP H . 13.98 13.25 3.28
C4' AMP H . 15.33 13.88 3.04
O4' AMP H . 15.63 14.77 4.12
C3' AMP H . 16.48 12.87 2.96
O3' AMP H . 17.17 13.01 1.71
C2' AMP H . 17.42 13.26 4.12
O2' AMP H . 18.79 13.17 3.79
C1' AMP H . 17.01 14.70 4.41
N9 AMP H . 17.22 15.13 5.80
C8 AMP H . 17.00 14.37 6.92
N7 AMP H . 17.26 15.03 8.05
C5 AMP H . 17.67 16.29 7.64
C6 AMP H . 18.07 17.45 8.34
N6 AMP H . 18.14 17.53 9.69
N1 AMP H . 18.42 18.54 7.60
C2 AMP H . 18.35 18.47 6.27
N3 AMP H . 17.98 17.44 5.51
C4 AMP H . 17.65 16.35 6.24
ZN ZN I . -32.04 -11.29 13.66
P AMP J . -12.87 -11.44 -1.49
O1P AMP J . -12.27 -10.99 -2.90
O2P AMP J . -14.08 -10.56 -1.27
O3P AMP J . -12.96 -12.95 -1.42
O5' AMP J . -11.81 -10.98 -0.40
C5' AMP J . -11.50 -9.62 -0.22
C4' AMP J . -11.22 -9.33 1.23
O4' AMP J . -9.84 -8.95 1.37
C3' AMP J . -12.07 -8.21 1.84
O3' AMP J . -12.61 -8.69 3.06
C2' AMP J . -11.05 -7.11 2.14
O2' AMP J . -11.34 -6.35 3.30
C1' AMP J . -9.75 -7.90 2.29
N9 AMP J . -8.54 -7.14 1.93
C8 AMP J . -8.41 -6.24 0.91
N7 AMP J . -7.19 -5.70 0.81
C5 AMP J . -6.50 -6.32 1.85
C6 AMP J . -5.16 -6.20 2.33
N6 AMP J . -4.24 -5.40 1.76
N1 AMP J . -4.80 -6.94 3.39
C2 AMP J . -5.70 -7.75 3.95
N3 AMP J . -6.97 -7.95 3.61
C4 AMP J . -7.33 -7.20 2.54
#